data_9JYV
#
_entry.id   9JYV
#
_cell.length_a   69.442
_cell.length_b   69.442
_cell.length_c   79.471
_cell.angle_alpha   90.00
_cell.angle_beta   90.00
_cell.angle_gamma   120.00
#
_symmetry.space_group_name_H-M   'P 31 2 1'
#
loop_
_entity.id
_entity.type
_entity.pdbx_description
1 polymer 'Peptidyl-prolyl cis-trans isomerase NIMA-interacting 1'
2 non-polymer 3,6,9,12,15,18,21-HEPTAOXATRICOSANE-1,23-DIOL
3 non-polymer 1-methylpyridin-2-one
4 non-polymer 'SULFATE ION'
5 water water
#
_entity_poly.entity_id   1
_entity_poly.type   'polypeptide(L)'
_entity_poly.pdbx_seq_one_letter_code
;MADEEKLPPGWEKAMSRSSGRVYYFNHITNASQWERPSGNSSSGGKNGQGEPARVRCSHLLVKHSQSRRPSSWRQEKITR
TKEEALELINGYIQKIKSGEEDFESLASQFSDCSSAKARGDLGAFSRGQMQKPFEDASFALRTGEMSGPVFTDSGIHIIL
RTE
;
_entity_poly.pdbx_strand_id   A
#
loop_
_chem_comp.id
_chem_comp.type
_chem_comp.name
_chem_comp.formula
A1ED2 non-polymer 1-methylpyridin-2-one 'C6 H7 N O'
PE8 non-polymer 3,6,9,12,15,18,21-HEPTAOXATRICOSANE-1,23-DIOL 'C16 H34 O9'
SO4 non-polymer 'SULFATE ION' 'O4 S -2'
#
# COMPACT_ATOMS: atom_id res chain seq x y z
N LYS A 6 -12.87 8.47 -19.42
CA LYS A 6 -12.90 7.03 -19.67
C LYS A 6 -12.97 6.23 -18.37
N LEU A 7 -11.92 6.35 -17.54
CA LEU A 7 -11.73 5.55 -16.35
C LEU A 7 -11.56 6.44 -15.13
N PRO A 8 -11.72 5.89 -13.92
CA PRO A 8 -11.60 6.71 -12.69
C PRO A 8 -10.20 7.27 -12.50
N PRO A 9 -10.03 8.19 -11.54
CA PRO A 9 -8.75 8.89 -11.40
C PRO A 9 -7.56 7.96 -11.24
N GLY A 10 -6.54 8.16 -12.09
CA GLY A 10 -5.29 7.45 -11.96
C GLY A 10 -5.18 6.19 -12.78
N TRP A 11 -6.30 5.64 -13.27
CA TRP A 11 -6.29 4.36 -13.97
C TRP A 11 -5.93 4.52 -15.45
N GLU A 12 -5.17 3.57 -15.97
CA GLU A 12 -4.93 3.47 -17.40
C GLU A 12 -4.93 2.00 -17.81
N LYS A 13 -5.17 1.77 -19.10
CA LYS A 13 -5.10 0.44 -19.66
C LYS A 13 -3.64 0.03 -19.86
N ALA A 14 -3.35 -1.26 -19.70
CA ALA A 14 -2.01 -1.78 -19.95
C ALA A 14 -2.12 -3.14 -20.64
N MET A 15 -0.97 -3.62 -21.12
CA MET A 15 -0.86 -4.86 -21.86
C MET A 15 -0.02 -5.85 -21.06
N SER A 16 -0.57 -7.03 -20.80
CA SER A 16 0.19 -8.05 -20.08
C SER A 16 1.26 -8.67 -20.97
N ARG A 17 2.51 -8.63 -20.51
CA ARG A 17 3.62 -9.17 -21.28
C ARG A 17 3.58 -10.70 -21.34
N SER A 18 3.09 -11.35 -20.29
CA SER A 18 3.10 -12.80 -20.28
C SER A 18 1.94 -13.37 -21.10
N SER A 19 0.75 -12.79 -20.95
CA SER A 19 -0.48 -13.33 -21.49
C SER A 19 -1.02 -12.59 -22.70
N GLY A 20 -0.67 -11.33 -22.88
CA GLY A 20 -1.23 -10.55 -23.96
C GLY A 20 -2.64 -10.03 -23.70
N ARG A 21 -3.21 -10.28 -22.52
CA ARG A 21 -4.51 -9.74 -22.14
C ARG A 21 -4.34 -8.35 -21.54
N VAL A 22 -5.32 -7.48 -21.80
CA VAL A 22 -5.23 -6.13 -21.25
C VAL A 22 -5.54 -6.17 -19.77
N TYR A 23 -4.96 -5.23 -19.03
CA TYR A 23 -5.28 -5.09 -17.61
C TYR A 23 -5.34 -3.61 -17.30
N TYR A 24 -5.58 -3.28 -16.03
CA TYR A 24 -5.72 -1.89 -15.61
C TYR A 24 -4.71 -1.58 -14.51
N PHE A 25 -4.06 -0.45 -14.64
CA PHE A 25 -3.05 0.00 -13.69
C PHE A 25 -3.36 1.41 -13.25
N ASN A 26 -3.12 1.69 -11.97
CA ASN A 26 -3.37 3.00 -11.38
C ASN A 26 -2.03 3.59 -10.97
N HIS A 27 -1.65 4.72 -11.60
CA HIS A 27 -0.33 5.28 -11.34
C HIS A 27 -0.24 6.12 -10.07
N ILE A 28 -1.35 6.36 -9.38
CA ILE A 28 -1.32 6.99 -8.07
C ILE A 28 -1.19 5.96 -6.96
N THR A 29 -1.95 4.87 -7.03
CA THR A 29 -1.95 3.84 -6.00
C THR A 29 -1.04 2.66 -6.32
N ASN A 30 -0.54 2.56 -7.55
CA ASN A 30 0.21 1.39 -8.03
C ASN A 30 -0.60 0.11 -7.98
N ALA A 31 -1.92 0.22 -7.93
CA ALA A 31 -2.77 -0.96 -8.02
C ALA A 31 -2.82 -1.47 -9.45
N SER A 32 -2.95 -2.78 -9.60
CA SER A 32 -3.12 -3.36 -10.92
C SER A 32 -4.06 -4.55 -10.81
N GLN A 33 -4.89 -4.76 -11.84
CA GLN A 33 -5.94 -5.76 -11.78
C GLN A 33 -6.45 -6.04 -13.17
N TRP A 34 -7.02 -7.24 -13.36
CA TRP A 34 -7.57 -7.59 -14.68
C TRP A 34 -8.88 -6.86 -14.93
N GLU A 35 -9.68 -6.66 -13.88
CA GLU A 35 -11.05 -6.16 -14.04
C GLU A 35 -11.07 -4.64 -14.20
N ARG A 36 -11.93 -4.18 -15.11
CA ARG A 36 -12.08 -2.75 -15.39
C ARG A 36 -12.59 -2.03 -14.15
N PRO A 37 -11.92 -0.97 -13.69
CA PRO A 37 -12.30 -0.36 -12.40
C PRO A 37 -13.72 0.18 -12.42
N SER A 38 -14.35 0.14 -11.25
CA SER A 38 -15.75 0.51 -11.10
C SER A 38 -15.93 2.03 -11.11
N GLY A 39 -17.11 2.45 -11.56
CA GLY A 39 -17.50 3.86 -11.56
C GLY A 39 -16.48 4.88 -12.02
N GLU A 51 -14.66 14.40 -4.01
CA GLU A 51 -13.92 13.51 -3.12
C GLU A 51 -14.18 13.87 -1.66
N PRO A 52 -14.11 12.88 -0.77
CA PRO A 52 -14.54 13.10 0.62
C PRO A 52 -13.52 13.90 1.40
N ALA A 53 -14.01 14.60 2.43
CA ALA A 53 -13.13 15.38 3.27
C ALA A 53 -12.11 14.51 4.00
N ARG A 54 -12.46 13.27 4.30
CA ARG A 54 -11.62 12.40 5.12
C ARG A 54 -11.73 10.97 4.61
N VAL A 55 -10.64 10.22 4.78
CA VAL A 55 -10.65 8.79 4.57
C VAL A 55 -9.96 8.11 5.75
N ARG A 56 -10.24 6.83 5.88
CA ARG A 56 -9.63 5.99 6.90
C ARG A 56 -8.88 4.87 6.21
N CYS A 57 -7.63 4.65 6.60
CA CYS A 57 -6.81 3.62 6.01
C CYS A 57 -6.08 2.83 7.08
N SER A 58 -5.82 1.57 6.77
CA SER A 58 -4.80 0.78 7.41
C SER A 58 -3.61 0.66 6.47
N HIS A 59 -2.45 0.32 7.01
CA HIS A 59 -1.30 0.14 6.14
C HIS A 59 -0.36 -0.89 6.74
N LEU A 60 0.51 -1.41 5.89
CA LEU A 60 1.59 -2.30 6.27
C LEU A 60 2.84 -1.64 5.74
N LEU A 61 3.77 -1.29 6.62
CA LEU A 61 4.99 -0.57 6.24
C LEU A 61 6.17 -1.52 6.30
N VAL A 62 7.02 -1.51 5.28
CA VAL A 62 8.29 -2.21 5.33
C VAL A 62 9.37 -1.15 5.24
N LYS A 63 10.17 -1.03 6.29
CA LYS A 63 11.23 -0.03 6.30
C LYS A 63 12.49 -0.60 5.65
N HIS A 64 13.45 0.29 5.41
CA HIS A 64 14.72 -0.13 4.86
C HIS A 64 15.81 0.80 5.39
N SER A 65 17.03 0.59 4.92
CA SER A 65 18.18 1.32 5.46
C SER A 65 18.14 2.81 5.14
N GLN A 66 17.44 3.22 4.08
CA GLN A 66 17.34 4.64 3.75
C GLN A 66 16.07 5.27 4.31
N SER A 67 15.31 4.53 5.13
CA SER A 67 14.13 5.11 5.75
C SER A 67 14.52 6.30 6.61
N ARG A 68 13.58 7.24 6.76
CA ARG A 68 13.84 8.46 7.52
C ARG A 68 14.31 8.13 8.93
N ARG A 69 13.73 7.11 9.55
CA ARG A 69 14.20 6.56 10.83
C ARG A 69 14.33 5.06 10.66
N PRO A 70 15.56 4.54 10.51
CA PRO A 70 15.76 3.12 10.16
C PRO A 70 15.68 2.21 11.38
N SER A 71 14.53 2.28 12.06
CA SER A 71 14.26 1.55 13.30
C SER A 71 12.77 1.31 13.37
N SER A 72 12.38 0.27 14.11
CA SER A 72 10.97 -0.01 14.36
C SER A 72 10.85 -0.86 15.62
N TRP A 73 9.60 -1.13 16.02
CA TRP A 73 9.35 -2.04 17.13
C TRP A 73 9.81 -3.45 16.82
N ARG A 74 9.94 -3.82 15.54
CA ARG A 74 10.41 -5.15 15.16
C ARG A 74 11.93 -5.26 15.20
N GLN A 75 12.63 -4.18 14.84
CA GLN A 75 14.09 -4.17 14.71
C GLN A 75 14.64 -2.86 15.23
N GLU A 76 15.57 -2.92 16.18
CA GLU A 76 16.24 -1.72 16.64
C GLU A 76 17.02 -1.05 15.51
N LYS A 77 17.71 -1.84 14.69
CA LYS A 77 18.47 -1.33 13.55
C LYS A 77 18.02 -2.06 12.29
N ILE A 78 17.32 -1.34 11.41
CA ILE A 78 16.80 -1.91 10.17
C ILE A 78 17.87 -1.76 9.10
N THR A 79 18.32 -2.89 8.54
CA THR A 79 19.46 -2.93 7.64
C THR A 79 19.10 -3.34 6.21
N ARG A 80 17.89 -3.83 5.97
CA ARG A 80 17.54 -4.31 4.65
C ARG A 80 17.54 -3.16 3.64
N THR A 81 17.84 -3.51 2.38
CA THR A 81 17.86 -2.54 1.30
C THR A 81 16.45 -2.25 0.79
N LYS A 82 16.30 -1.07 0.17
CA LYS A 82 15.07 -0.67 -0.52
C LYS A 82 14.56 -1.75 -1.46
N GLU A 83 15.48 -2.39 -2.19
CA GLU A 83 15.11 -3.46 -3.10
C GLU A 83 14.59 -4.66 -2.34
N GLU A 84 15.25 -5.03 -1.24
CA GLU A 84 14.77 -6.11 -0.38
C GLU A 84 13.41 -5.79 0.22
N ALA A 85 13.21 -4.54 0.67
CA ALA A 85 11.92 -4.12 1.20
C ALA A 85 10.81 -4.28 0.16
N LEU A 86 11.08 -3.89 -1.08
CA LEU A 86 10.10 -4.00 -2.14
C LEU A 86 9.74 -5.46 -2.40
N GLU A 87 10.73 -6.36 -2.32
CA GLU A 87 10.45 -7.78 -2.51
C GLU A 87 9.51 -8.30 -1.43
N LEU A 88 9.72 -7.88 -0.19
CA LEU A 88 8.83 -8.28 0.90
C LEU A 88 7.42 -7.77 0.66
N ILE A 89 7.30 -6.47 0.33
CA ILE A 89 6.00 -5.89 0.00
C ILE A 89 5.34 -6.70 -1.11
N ASN A 90 6.09 -6.99 -2.19
CA ASN A 90 5.50 -7.75 -3.28
C ASN A 90 4.97 -9.10 -2.79
N GLY A 91 5.75 -9.79 -1.96
CA GLY A 91 5.31 -11.09 -1.46
C GLY A 91 4.08 -11.00 -0.57
N TYR A 92 4.00 -9.97 0.28
CA TYR A 92 2.79 -9.80 1.09
C TYR A 92 1.58 -9.56 0.19
N ILE A 93 1.74 -8.75 -0.86
CA ILE A 93 0.63 -8.52 -1.77
C ILE A 93 0.17 -9.81 -2.41
N GLN A 94 1.12 -10.66 -2.84
CA GLN A 94 0.73 -11.92 -3.46
C GLN A 94 -0.08 -12.77 -2.50
N LYS A 95 0.34 -12.85 -1.23
CA LYS A 95 -0.41 -13.69 -0.30
C LYS A 95 -1.77 -13.12 0.03
N ILE A 96 -1.90 -11.78 0.10
CA ILE A 96 -3.21 -11.18 0.33
C ILE A 96 -4.15 -11.45 -0.84
N LYS A 97 -3.63 -11.33 -2.06
CA LYS A 97 -4.48 -11.49 -3.24
C LYS A 97 -4.89 -12.93 -3.46
N SER A 98 -4.02 -13.89 -3.12
CA SER A 98 -4.39 -15.28 -3.25
C SER A 98 -5.28 -15.72 -2.11
N GLY A 99 -5.35 -14.95 -1.05
CA GLY A 99 -6.11 -15.33 0.14
C GLY A 99 -5.39 -16.28 1.08
N GLU A 100 -4.12 -16.60 0.85
CA GLU A 100 -3.38 -17.37 1.86
C GLU A 100 -3.26 -16.60 3.17
N GLU A 101 -3.21 -15.26 3.09
CA GLU A 101 -3.07 -14.42 4.27
C GLU A 101 -3.99 -13.23 4.17
N ASP A 102 -4.35 -12.70 5.33
CA ASP A 102 -5.20 -11.53 5.44
C ASP A 102 -4.34 -10.29 5.61
N PHE A 103 -4.80 -9.17 5.03
CA PHE A 103 -4.07 -7.91 5.20
C PHE A 103 -3.81 -7.60 6.66
N GLU A 104 -4.84 -7.74 7.51
CA GLU A 104 -4.69 -7.31 8.90
C GLU A 104 -3.71 -8.18 9.65
N SER A 105 -3.69 -9.48 9.34
CA SER A 105 -2.78 -10.41 10.01
C SER A 105 -1.33 -10.12 9.62
N LEU A 106 -1.08 -9.89 8.33
CA LEU A 106 0.28 -9.55 7.92
C LEU A 106 0.72 -8.21 8.51
N ALA A 107 -0.19 -7.24 8.57
CA ALA A 107 0.16 -5.96 9.16
C ALA A 107 0.54 -6.09 10.63
N SER A 108 -0.27 -6.85 11.41
CA SER A 108 0.06 -7.03 12.82
C SER A 108 1.41 -7.69 13.00
N GLN A 109 1.77 -8.62 12.11
CA GLN A 109 2.98 -9.42 12.32
C GLN A 109 4.22 -8.73 11.77
N PHE A 110 4.10 -7.99 10.68
CA PHE A 110 5.28 -7.58 9.92
C PHE A 110 5.41 -6.09 9.65
N SER A 111 4.39 -5.28 9.92
CA SER A 111 4.52 -3.85 9.65
C SER A 111 5.52 -3.21 10.60
N ASP A 112 6.41 -2.39 10.04
CA ASP A 112 7.41 -1.64 10.81
C ASP A 112 6.86 -0.34 11.38
N CYS A 113 5.55 -0.20 11.47
CA CYS A 113 4.92 0.98 12.04
C CYS A 113 4.32 0.60 13.39
N SER A 114 4.27 1.57 14.31
CA SER A 114 3.61 1.33 15.58
C SER A 114 2.16 0.91 15.41
N SER A 115 1.55 1.26 14.28
CA SER A 115 0.14 0.92 14.07
C SER A 115 -0.06 -0.56 13.82
N ALA A 116 1.02 -1.33 13.68
CA ALA A 116 0.91 -2.78 13.62
C ALA A 116 0.06 -3.32 14.77
N LYS A 117 0.22 -2.73 15.96
CA LYS A 117 -0.55 -3.20 17.12
C LYS A 117 -2.05 -3.00 16.95
N ALA A 118 -2.47 -2.16 16.01
CA ALA A 118 -3.88 -1.93 15.71
C ALA A 118 -4.27 -2.50 14.35
N ARG A 119 -3.66 -3.64 14.00
CA ARG A 119 -3.88 -4.29 12.71
C ARG A 119 -3.64 -3.33 11.54
N GLY A 120 -2.72 -2.38 11.75
CA GLY A 120 -2.35 -1.43 10.71
C GLY A 120 -3.21 -0.19 10.65
N ASP A 121 -4.29 -0.10 11.44
CA ASP A 121 -5.23 1.01 11.34
C ASP A 121 -4.58 2.33 11.78
N LEU A 122 -4.72 3.35 10.94
CA LEU A 122 -4.25 4.70 11.20
C LEU A 122 -5.36 5.66 11.59
N GLY A 123 -6.61 5.21 11.56
CA GLY A 123 -7.71 6.11 11.77
C GLY A 123 -7.98 6.96 10.55
N ALA A 124 -8.86 7.94 10.74
CA ALA A 124 -9.24 8.87 9.69
C ALA A 124 -8.29 10.06 9.64
N PHE A 125 -8.15 10.63 8.44
CA PHE A 125 -7.28 11.79 8.26
C PHE A 125 -7.74 12.57 7.03
N SER A 126 -7.33 13.84 7.01
CA SER A 126 -7.62 14.78 5.93
C SER A 126 -6.39 14.95 5.04
N ARG A 127 -6.58 15.68 3.93
CA ARG A 127 -5.44 16.04 3.08
C ARG A 127 -4.54 17.02 3.81
N GLY A 128 -3.23 16.88 3.60
CA GLY A 128 -2.26 17.71 4.29
C GLY A 128 -1.78 17.19 5.63
N GLN A 129 -2.21 16.01 6.06
CA GLN A 129 -1.70 15.41 7.29
C GLN A 129 -0.63 14.35 7.06
N MET A 130 -0.77 13.51 6.05
CA MET A 130 0.14 12.40 5.81
C MET A 130 1.21 12.82 4.81
N GLN A 131 2.25 12.00 4.70
CA GLN A 131 3.19 12.20 3.59
C GLN A 131 2.46 12.10 2.26
N LYS A 132 2.87 12.96 1.31
CA LYS A 132 2.05 13.17 0.11
C LYS A 132 1.80 11.92 -0.74
N PRO A 133 2.78 11.04 -0.99
CA PRO A 133 2.45 9.85 -1.79
C PRO A 133 1.43 8.96 -1.12
N PHE A 134 1.51 8.87 0.21
CA PHE A 134 0.53 8.14 1.01
C PHE A 134 -0.83 8.80 0.96
N GLU A 135 -0.89 10.13 1.13
CA GLU A 135 -2.15 10.84 1.00
C GLU A 135 -2.78 10.64 -0.37
N ASP A 136 -2.00 10.83 -1.44
CA ASP A 136 -2.60 10.75 -2.78
C ASP A 136 -3.10 9.34 -3.06
N ALA A 137 -2.37 8.32 -2.62
CA ALA A 137 -2.81 6.96 -2.86
C ALA A 137 -4.07 6.66 -2.05
N SER A 138 -4.10 7.14 -0.80
CA SER A 138 -5.24 6.87 0.07
C SER A 138 -6.52 7.46 -0.50
N PHE A 139 -6.46 8.71 -0.98
CA PHE A 139 -7.64 9.36 -1.54
C PHE A 139 -8.00 8.86 -2.93
N ALA A 140 -7.08 8.22 -3.66
CA ALA A 140 -7.43 7.64 -4.95
C ALA A 140 -7.99 6.24 -4.83
N LEU A 141 -7.77 5.58 -3.69
CA LEU A 141 -8.40 4.29 -3.43
C LEU A 141 -9.90 4.49 -3.22
N ARG A 142 -10.67 3.50 -3.64
CA ARG A 142 -12.08 3.48 -3.31
C ARG A 142 -12.24 2.70 -2.01
N THR A 143 -13.39 2.89 -1.34
CA THR A 143 -13.59 2.21 -0.07
C THR A 143 -13.48 0.71 -0.27
N GLY A 144 -12.65 0.06 0.53
CA GLY A 144 -12.44 -1.36 0.41
C GLY A 144 -11.30 -1.77 -0.50
N GLU A 145 -10.73 -0.86 -1.29
CA GLU A 145 -9.65 -1.25 -2.20
C GLU A 145 -8.28 -1.12 -1.55
N MET A 146 -7.30 -1.78 -2.18
CA MET A 146 -5.95 -1.82 -1.66
C MET A 146 -4.98 -1.37 -2.74
N SER A 147 -3.91 -0.72 -2.30
CA SER A 147 -2.90 -0.19 -3.18
C SER A 147 -1.87 -1.25 -3.54
N GLY A 148 -1.00 -0.92 -4.49
CA GLY A 148 0.22 -1.65 -4.63
C GLY A 148 1.27 -0.99 -3.74
N PRO A 149 2.54 -1.25 -4.03
CA PRO A 149 3.61 -0.59 -3.25
C PRO A 149 3.58 0.93 -3.43
N VAL A 150 3.48 1.62 -2.30
CA VAL A 150 3.52 3.07 -2.27
C VAL A 150 4.77 3.52 -1.51
N PHE A 151 5.54 4.41 -2.12
CA PHE A 151 6.84 4.81 -1.61
C PHE A 151 6.73 6.15 -0.89
N THR A 152 7.30 6.22 0.31
CA THR A 152 7.47 7.48 1.04
C THR A 152 8.83 7.48 1.72
N ASP A 153 9.12 8.57 2.44
CA ASP A 153 10.37 8.64 3.19
C ASP A 153 10.42 7.65 4.37
N SER A 154 9.27 7.16 4.86
CA SER A 154 9.34 6.10 5.88
C SER A 154 9.75 4.76 5.30
N GLY A 155 9.42 4.50 4.05
CA GLY A 155 9.58 3.14 3.56
C GLY A 155 8.62 2.87 2.42
N ILE A 156 8.17 1.62 2.35
CA ILE A 156 7.26 1.14 1.31
C ILE A 156 6.00 0.63 2.01
N HIS A 157 4.83 1.07 1.52
CA HIS A 157 3.54 0.83 2.17
C HIS A 157 2.63 0.01 1.27
N ILE A 158 1.84 -0.87 1.89
CA ILE A 158 0.60 -1.36 1.30
C ILE A 158 -0.54 -0.67 2.05
N ILE A 159 -1.48 -0.06 1.32
CA ILE A 159 -2.53 0.75 1.93
C ILE A 159 -3.87 0.10 1.64
N LEU A 160 -4.71 -0.01 2.68
CA LEU A 160 -6.07 -0.51 2.59
C LEU A 160 -7.01 0.60 3.04
N ARG A 161 -7.85 1.08 2.12
CA ARG A 161 -8.85 2.07 2.51
C ARG A 161 -10.06 1.39 3.13
N THR A 162 -10.36 1.74 4.38
CA THR A 162 -11.47 1.12 5.08
C THR A 162 -12.70 2.01 5.19
N GLU A 163 -12.55 3.32 5.07
CA GLU A 163 -13.69 4.24 5.07
C GLU A 163 -13.39 5.42 4.17
O1 PE8 B . -7.53 -7.39 -6.07
C2 PE8 B . -7.94 -6.25 -6.79
C3 PE8 B . -6.79 -5.44 -7.28
O4 PE8 B . -5.86 -5.27 -6.24
C5 PE8 B . -5.35 -3.95 -6.18
C6 PE8 B . -3.99 -3.97 -5.60
O7 PE8 B . -3.04 -4.27 -6.61
C8 PE8 B . -1.70 -4.15 -6.13
C9 PE8 B . -0.76 -4.68 -7.14
O10 PE8 B . -0.71 -6.08 -7.06
C11 PE8 B . 0.36 -6.65 -7.79
C12 PE8 B . 0.18 -8.12 -7.85
O13 PE8 B . -1.06 -8.41 -8.49
C14 PE8 B . -1.14 -9.77 -8.92
C15 PE8 B . -2.44 -9.99 -9.59
O16 PE8 B . -2.48 -9.22 -10.78
C17 PE8 B . -3.72 -9.34 -11.47
C18 PE8 B . -3.67 -8.53 -12.72
O19 PE8 B . -2.40 -8.70 -13.34
C20 PE8 B . -2.28 -7.95 -14.53
C21 PE8 B . -0.89 -8.10 -15.06
O22 PE8 B . 0.02 -7.45 -14.19
C23 PE8 B . 1.32 -7.33 -14.74
C24 PE8 B . 2.24 -6.71 -13.74
O25 PE8 B . 1.80 -5.43 -13.34
N1 A1ED2 C . 1.94 7.97 7.68
C4 A1ED2 C . 2.52 9.95 9.48
C5 A1ED2 C . 2.67 10.19 8.16
C6 A1ED2 C . 2.37 9.19 7.18
C1 A1ED2 C . 1.62 6.91 6.71
C2 A1ED2 C . 1.80 7.73 9.02
C3 A1ED2 C . 2.08 8.69 9.93
O1 A1ED2 C . 2.47 9.35 5.95
N1 A1ED2 D . -13.11 -5.12 -9.24
C4 A1ED2 D . -11.12 -6.83 -8.44
C5 A1ED2 D . -10.89 -5.51 -8.44
C6 A1ED2 D . -11.89 -4.57 -8.85
C1 A1ED2 D . -14.17 -4.20 -9.67
C2 A1ED2 D . -13.33 -6.47 -9.24
C3 A1ED2 D . -12.37 -7.33 -8.85
O1 A1ED2 D . -11.75 -3.34 -8.87
S SO4 E . -16.05 5.25 -2.48
O1 SO4 E . -17.16 5.99 -3.07
O2 SO4 E . -14.79 5.91 -2.82
O3 SO4 E . -16.21 5.20 -1.03
O4 SO4 E . -16.05 3.87 -3.00
S SO4 F . 9.74 7.33 9.85
O1 SO4 F . 8.85 7.96 8.85
O2 SO4 F . 10.80 6.56 9.19
O3 SO4 F . 10.30 8.41 10.64
O4 SO4 F . 8.97 6.45 10.73
#